data_6RCX
#
_entry.id   6RCX
#
_cell.length_a   50.142
_cell.length_b   63.167
_cell.length_c   108.459
_cell.angle_alpha   90.000
_cell.angle_beta   90.000
_cell.angle_gamma   90.000
#
_symmetry.space_group_name_H-M   'P 21 21 21'
#
loop_
_entity.id
_entity.type
_entity.pdbx_description
1 polymer "Possible 4'-phosphopantetheinyl transferase"
2 polymer 'Phthiocerol synthesis polyketide synthase type I PpsC'
3 non-polymer 'COENZYME A'
4 non-polymer 'MANGANESE (II) ION'
5 non-polymer 'CACODYLATE ION'
6 water water
#
loop_
_entity_poly.entity_id
_entity_poly.type
_entity_poly.pdbx_seq_one_letter_code
_entity_poly.pdbx_strand_id
1 'polypeptide(L)'
;MPVTDQLIASVVPELLPSAELYEDPPGLEPLPEEEPLIAKSVAKRRNEFITVRYCARQALSVLGIPEVPILKGDKGQPLW
PDGIVGSMTHTEGFRGAVVGRTGEVRSVGIDAEPHDVLPNGVLKSIALPVERDELDALPAGTHWDRLLFCAKETTYKAWF
PLTARWLGFEDAHITIDPDGTFTSRILVDGRANDGTVLSAFDGRWIIDKGLILTAIVVPKLAAALEHHHHHH
;
A
2 'polypeptide(L)'
;MGSSHHHHHHSSGLVPRGSHMAIRAQLDALDAAERPGHLASAIADEIRAVLRSGDPIDHHRPLETLGLDALMGLELRNRL
EASLGITLPVALVWAYPTISDLATALCERMDYATPAAAQEISDTEPELSDEEMDLLADLVDASELEAATRGESTSGS
;
B
#
# COMPACT_ATOMS: atom_id res chain seq x y z
N THR A 4 6.60 22.21 -5.56
CA THR A 4 6.97 22.05 -6.96
C THR A 4 5.77 21.65 -7.81
N ASP A 5 6.04 20.94 -8.90
CA ASP A 5 5.00 20.36 -9.75
C ASP A 5 4.74 18.89 -9.45
N GLN A 6 5.67 18.21 -8.78
CA GLN A 6 5.54 16.79 -8.50
C GLN A 6 4.79 16.58 -7.20
N LEU A 7 3.96 15.53 -7.17
CA LEU A 7 3.09 15.30 -6.03
C LEU A 7 3.88 14.95 -4.77
N ILE A 8 4.83 14.02 -4.89
CA ILE A 8 5.57 13.59 -3.71
C ILE A 8 6.41 14.74 -3.16
N ALA A 9 7.04 15.52 -4.02
CA ALA A 9 7.90 16.61 -3.55
C ALA A 9 7.11 17.64 -2.76
N SER A 10 5.80 17.76 -3.02
CA SER A 10 4.99 18.74 -2.31
C SER A 10 4.62 18.34 -0.89
N VAL A 11 4.89 17.10 -0.49
CA VAL A 11 4.44 16.64 0.82
C VAL A 11 5.57 15.99 1.62
N VAL A 12 6.80 16.08 1.11
CA VAL A 12 7.97 15.63 1.88
C VAL A 12 9.02 16.72 1.84
N PRO A 13 9.84 16.86 2.89
CA PRO A 13 10.90 17.87 2.86
C PRO A 13 11.91 17.57 1.78
N GLU A 14 12.63 18.62 1.36
CA GLU A 14 13.60 18.46 0.28
C GLU A 14 14.75 17.54 0.65
N LEU A 15 15.03 17.34 1.93
CA LEU A 15 16.11 16.42 2.28
C LEU A 15 15.80 14.97 1.91
N LEU A 16 14.57 14.67 1.48
CA LEU A 16 14.19 13.34 1.02
C LEU A 16 13.97 13.34 -0.48
N PRO A 17 14.94 12.89 -1.28
CA PRO A 17 14.74 12.90 -2.74
C PRO A 17 13.64 11.95 -3.19
N SER A 18 12.91 12.36 -4.21
CA SER A 18 11.79 11.57 -4.72
C SER A 18 11.73 11.68 -6.25
N ALA A 19 10.98 10.76 -6.84
CA ALA A 19 10.84 10.70 -8.29
C ALA A 19 9.52 10.03 -8.62
N GLU A 20 8.88 10.49 -9.71
CA GLU A 20 7.59 9.95 -10.08
C GLU A 20 7.39 10.03 -11.59
N LEU A 21 6.67 9.03 -12.11
CA LEU A 21 6.30 8.96 -13.51
C LEU A 21 4.82 8.60 -13.61
N TYR A 22 4.10 9.30 -14.49
CA TYR A 22 2.67 9.07 -14.64
C TYR A 22 2.35 8.05 -15.72
N GLU A 23 3.35 7.65 -16.50
CA GLU A 23 3.19 6.59 -17.49
C GLU A 23 4.34 5.60 -17.31
N ASP A 24 4.28 4.49 -18.05
CA ASP A 24 5.38 3.56 -18.14
C ASP A 24 6.17 3.85 -19.41
N PRO A 25 7.32 4.50 -19.33
CA PRO A 25 8.09 4.81 -20.53
C PRO A 25 8.53 3.54 -21.23
N PRO A 26 8.73 3.60 -22.56
CA PRO A 26 9.10 2.38 -23.28
C PRO A 26 10.57 2.02 -23.07
N GLY A 27 10.82 0.72 -22.87
CA GLY A 27 12.16 0.18 -22.85
C GLY A 27 12.77 -0.03 -21.48
N LEU A 28 12.04 0.25 -20.41
CA LEU A 28 12.56 -0.04 -19.08
C LEU A 28 12.62 -1.55 -18.86
N GLU A 29 13.48 -1.96 -17.93
CA GLU A 29 13.61 -3.36 -17.58
C GLU A 29 14.08 -3.47 -16.14
N PRO A 30 13.76 -4.56 -15.45
CA PRO A 30 14.26 -4.73 -14.08
C PRO A 30 15.73 -5.08 -14.11
N LEU A 31 16.38 -4.94 -12.96
CA LEU A 31 17.72 -5.47 -12.80
C LEU A 31 17.64 -7.00 -12.72
N PRO A 32 18.72 -7.69 -13.12
CA PRO A 32 18.68 -9.16 -13.11
C PRO A 32 18.24 -9.76 -11.79
N GLU A 33 18.72 -9.21 -10.67
CA GLU A 33 18.32 -9.73 -9.36
C GLU A 33 16.83 -9.54 -9.10
N GLU A 34 16.20 -8.55 -9.74
CA GLU A 34 14.79 -8.27 -9.53
C GLU A 34 13.87 -9.09 -10.44
N GLU A 35 14.40 -9.62 -11.55
CA GLU A 35 13.57 -10.37 -12.48
C GLU A 35 12.79 -11.53 -11.85
N PRO A 36 13.36 -12.36 -10.95
CA PRO A 36 12.57 -13.46 -10.39
C PRO A 36 11.29 -13.02 -9.71
N LEU A 37 11.26 -11.79 -9.18
CA LEU A 37 10.10 -11.33 -8.42
C LEU A 37 8.88 -11.06 -9.29
N ILE A 38 9.06 -10.92 -10.61
CA ILE A 38 7.94 -10.63 -11.49
C ILE A 38 7.93 -11.59 -12.67
N ALA A 39 8.71 -12.68 -12.57
CA ALA A 39 8.83 -13.61 -13.69
C ALA A 39 7.49 -14.27 -14.02
N LYS A 40 6.60 -14.40 -13.05
CA LYS A 40 5.30 -15.04 -13.24
C LYS A 40 4.14 -14.05 -13.13
N SER A 41 4.41 -12.76 -13.30
CA SER A 41 3.44 -11.73 -13.03
C SER A 41 2.84 -11.17 -14.32
N VAL A 42 1.59 -10.70 -14.23
CA VAL A 42 0.92 -10.13 -15.39
C VAL A 42 1.61 -8.84 -15.81
N ALA A 43 1.36 -8.44 -17.06
CA ALA A 43 2.05 -7.28 -17.64
C ALA A 43 1.81 -6.02 -16.81
N LYS A 44 0.60 -5.82 -16.32
CA LYS A 44 0.29 -4.66 -15.51
C LYS A 44 1.13 -4.62 -14.26
N ARG A 45 1.27 -5.77 -13.66
CA ARG A 45 2.08 -5.84 -12.44
C ARG A 45 3.55 -5.68 -12.76
N ARG A 46 4.03 -6.32 -13.83
CA ARG A 46 5.41 -6.14 -14.26
C ARG A 46 5.75 -4.67 -14.48
N ASN A 47 4.84 -3.94 -15.14
CA ASN A 47 5.13 -2.58 -15.55
C ASN A 47 5.26 -1.64 -14.36
N GLU A 48 4.31 -1.73 -13.42
CA GLU A 48 4.36 -0.86 -12.25
C GLU A 48 5.58 -1.18 -11.39
N PHE A 49 5.94 -2.46 -11.28
CA PHE A 49 7.11 -2.87 -10.53
C PHE A 49 8.38 -2.29 -11.13
N ILE A 50 8.51 -2.38 -12.46
CA ILE A 50 9.72 -1.91 -13.13
C ILE A 50 9.81 -0.39 -13.09
N THR A 51 8.70 0.30 -13.35
CA THR A 51 8.74 1.76 -13.44
C THR A 51 8.98 2.39 -12.08
N VAL A 52 8.33 1.88 -11.03
CA VAL A 52 8.53 2.46 -9.71
C VAL A 52 9.96 2.26 -9.23
N ARG A 53 10.62 1.20 -9.71
CA ARG A 53 12.01 0.98 -9.30
C ARG A 53 12.97 1.83 -10.12
N TYR A 54 12.61 2.18 -11.35
CA TYR A 54 13.36 3.23 -12.04
C TYR A 54 13.31 4.52 -11.24
N CYS A 55 12.12 4.86 -10.73
CA CYS A 55 11.94 6.06 -9.92
C CYS A 55 12.80 5.98 -8.66
N ALA A 56 12.76 4.85 -7.97
CA ALA A 56 13.50 4.71 -6.72
C ALA A 56 14.99 4.82 -6.96
N ARG A 57 15.49 4.23 -8.05
CA ARG A 57 16.92 4.31 -8.34
C ARG A 57 17.32 5.73 -8.73
N GLN A 58 16.40 6.50 -9.32
CA GLN A 58 16.68 7.92 -9.58
C GLN A 58 16.84 8.68 -8.29
N ALA A 59 15.91 8.48 -7.34
CA ALA A 59 16.00 9.15 -6.06
C ALA A 59 17.25 8.70 -5.30
N LEU A 60 17.60 7.43 -5.40
CA LEU A 60 18.78 6.92 -4.69
C LEU A 60 20.06 7.56 -5.21
N SER A 61 20.13 7.82 -6.52
CA SER A 61 21.34 8.40 -7.10
C SER A 61 21.60 9.80 -6.56
N VAL A 62 20.54 10.54 -6.27
CA VAL A 62 20.70 11.87 -5.65
C VAL A 62 21.44 11.75 -4.33
N LEU A 63 21.15 10.71 -3.55
CA LEU A 63 21.85 10.44 -2.31
C LEU A 63 23.23 9.79 -2.53
N GLY A 64 23.67 9.67 -3.78
CA GLY A 64 24.97 9.09 -4.08
C GLY A 64 25.00 7.58 -4.12
N ILE A 65 23.86 6.91 -4.04
CA ILE A 65 23.80 5.45 -4.08
C ILE A 65 23.70 5.00 -5.54
N PRO A 66 24.58 4.12 -6.00
CA PRO A 66 24.53 3.67 -7.39
C PRO A 66 23.42 2.65 -7.61
N GLU A 67 23.27 2.25 -8.86
CA GLU A 67 22.24 1.28 -9.25
C GLU A 67 22.34 0.02 -8.41
N VAL A 68 21.22 -0.36 -7.79
CA VAL A 68 21.16 -1.46 -6.84
C VAL A 68 19.78 -2.09 -6.92
N PRO A 69 19.65 -3.42 -6.81
CA PRO A 69 18.30 -4.02 -6.74
C PRO A 69 17.56 -3.60 -5.48
N ILE A 70 16.26 -3.47 -5.62
CA ILE A 70 15.36 -3.22 -4.49
C ILE A 70 14.43 -4.42 -4.41
N LEU A 71 14.86 -5.43 -3.65
CA LEU A 71 14.09 -6.67 -3.50
C LEU A 71 13.00 -6.46 -2.46
N LYS A 72 12.30 -7.54 -2.10
CA LYS A 72 11.15 -7.47 -1.19
C LYS A 72 11.34 -8.43 -0.03
N GLY A 73 10.91 -8.00 1.15
CA GLY A 73 11.07 -8.74 2.37
C GLY A 73 9.91 -9.66 2.66
N ASP A 74 9.82 -10.09 3.92
CA ASP A 74 8.90 -11.16 4.30
C ASP A 74 7.44 -10.72 4.23
N LYS A 75 7.16 -9.43 4.43
CA LYS A 75 5.81 -8.90 4.26
C LYS A 75 5.69 -8.02 3.02
N GLY A 76 6.61 -8.21 2.06
CA GLY A 76 6.60 -7.43 0.83
C GLY A 76 7.27 -6.08 0.91
N GLN A 77 7.90 -5.75 2.03
CA GLN A 77 8.47 -4.43 2.19
C GLN A 77 9.72 -4.28 1.32
N PRO A 78 9.94 -3.10 0.74
CA PRO A 78 11.15 -2.90 -0.08
C PRO A 78 12.39 -2.94 0.79
N LEU A 79 13.44 -3.55 0.25
CA LEU A 79 14.69 -3.76 0.99
C LEU A 79 15.70 -2.74 0.50
N TRP A 80 15.91 -1.69 1.29
CA TRP A 80 16.78 -0.58 0.94
C TRP A 80 18.22 -0.87 1.35
N PRO A 81 19.19 -0.19 0.75
CA PRO A 81 20.57 -0.29 1.23
C PRO A 81 20.65 0.17 2.67
N ASP A 82 21.66 -0.34 3.39
CA ASP A 82 21.85 0.04 4.78
C ASP A 82 22.05 1.55 4.90
N GLY A 83 21.41 2.15 5.89
CA GLY A 83 21.44 3.58 6.07
C GLY A 83 20.36 4.34 5.34
N ILE A 84 19.50 3.65 4.58
CA ILE A 84 18.47 4.29 3.77
C ILE A 84 17.10 3.82 4.25
N VAL A 85 16.14 4.75 4.24
CA VAL A 85 14.72 4.43 4.36
C VAL A 85 14.03 4.95 3.11
N GLY A 86 12.85 4.42 2.84
CA GLY A 86 12.14 4.83 1.63
C GLY A 86 10.77 4.20 1.54
N SER A 87 10.04 4.64 0.51
CA SER A 87 8.70 4.14 0.25
C SER A 87 8.39 4.26 -1.23
N MET A 88 7.58 3.32 -1.73
CA MET A 88 7.18 3.30 -3.13
C MET A 88 5.67 3.13 -3.20
N THR A 89 5.08 3.59 -4.30
CA THR A 89 3.65 3.47 -4.50
C THR A 89 3.35 3.48 -6.00
N HIS A 90 2.37 2.67 -6.41
CA HIS A 90 1.90 2.71 -7.79
C HIS A 90 0.39 2.55 -7.80
N THR A 91 -0.25 3.29 -8.70
CA THR A 91 -1.66 3.18 -8.99
C THR A 91 -1.82 3.58 -10.46
N GLU A 92 -3.03 3.43 -10.98
CA GLU A 92 -3.30 3.83 -12.35
C GLU A 92 -2.90 5.29 -12.54
N GLY A 93 -1.92 5.52 -13.40
CA GLY A 93 -1.44 6.86 -13.69
C GLY A 93 -0.41 7.41 -12.73
N PHE A 94 0.18 6.58 -11.87
CA PHE A 94 1.21 7.08 -10.98
C PHE A 94 2.18 5.98 -10.57
N ARG A 95 3.47 6.28 -10.66
CA ARG A 95 4.54 5.50 -10.04
C ARG A 95 5.43 6.48 -9.31
N GLY A 96 5.72 6.22 -8.05
CA GLY A 96 6.46 7.18 -7.25
C GLY A 96 7.30 6.52 -6.18
N ALA A 97 8.42 7.16 -5.85
CA ALA A 97 9.31 6.66 -4.83
C ALA A 97 9.99 7.83 -4.13
N VAL A 98 10.24 7.65 -2.84
CA VAL A 98 10.96 8.63 -2.02
C VAL A 98 11.92 7.86 -1.12
N VAL A 99 13.11 8.43 -0.89
CA VAL A 99 14.11 7.81 -0.03
C VAL A 99 14.78 8.88 0.81
N GLY A 100 15.47 8.42 1.85
CA GLY A 100 16.24 9.31 2.71
C GLY A 100 17.23 8.50 3.51
N ARG A 101 18.13 9.21 4.19
CA ARG A 101 19.12 8.58 5.04
C ARG A 101 18.60 8.50 6.47
N THR A 102 18.98 7.41 7.16
CA THR A 102 18.53 7.22 8.53
C THR A 102 19.09 8.27 9.49
N GLY A 103 20.16 8.96 9.09
CA GLY A 103 20.70 10.02 9.92
C GLY A 103 19.78 11.22 10.07
N GLU A 104 18.83 11.38 9.15
CA GLU A 104 17.91 12.52 9.17
C GLU A 104 16.47 12.14 9.45
N VAL A 105 16.02 10.96 9.01
CA VAL A 105 14.64 10.53 9.20
C VAL A 105 14.63 9.06 9.63
N ARG A 106 13.66 8.73 10.49
CA ARG A 106 13.55 7.36 10.97
C ARG A 106 12.82 6.46 9.98
N SER A 107 11.84 7.00 9.26
CA SER A 107 10.95 6.20 8.43
C SER A 107 10.13 7.14 7.55
N VAL A 108 9.67 6.61 6.42
CA VAL A 108 8.80 7.38 5.53
C VAL A 108 7.89 6.40 4.81
N GLY A 109 6.64 6.81 4.62
CA GLY A 109 5.72 6.08 3.76
C GLY A 109 4.96 7.05 2.89
N ILE A 110 4.64 6.58 1.68
CA ILE A 110 3.81 7.33 0.74
C ILE A 110 2.81 6.38 0.11
N ASP A 111 1.69 6.94 -0.35
CA ASP A 111 0.67 6.16 -1.00
C ASP A 111 -0.09 7.06 -1.98
N ALA A 112 -0.33 6.56 -3.18
CA ALA A 112 -1.07 7.29 -4.20
C ALA A 112 -2.35 6.52 -4.55
N GLU A 113 -3.45 7.25 -4.64
CA GLU A 113 -4.75 6.69 -4.97
C GLU A 113 -5.44 7.61 -5.96
N PRO A 114 -6.29 7.08 -6.83
CA PRO A 114 -7.12 7.94 -7.67
C PRO A 114 -8.15 8.67 -6.82
N HIS A 115 -8.37 9.95 -7.13
CA HIS A 115 -9.34 10.74 -6.37
C HIS A 115 -10.74 10.39 -6.84
N ASP A 116 -11.21 9.23 -6.38
CA ASP A 116 -12.58 8.79 -6.61
C ASP A 116 -13.13 8.27 -5.28
N VAL A 117 -14.45 8.07 -5.23
CA VAL A 117 -15.03 7.43 -4.06
C VAL A 117 -14.50 6.01 -3.94
N LEU A 118 -14.50 5.50 -2.71
CA LEU A 118 -14.11 4.12 -2.51
C LEU A 118 -15.16 3.18 -3.10
N PRO A 119 -14.75 1.96 -3.48
CA PRO A 119 -15.74 0.96 -3.90
C PRO A 119 -16.74 0.69 -2.78
N ASN A 120 -17.90 0.19 -3.17
CA ASN A 120 -18.93 -0.18 -2.20
C ASN A 120 -18.36 -1.13 -1.16
N GLY A 121 -18.72 -0.90 0.10
CA GLY A 121 -18.35 -1.78 1.20
C GLY A 121 -17.00 -1.51 1.83
N VAL A 122 -16.09 -0.82 1.14
CA VAL A 122 -14.72 -0.71 1.62
C VAL A 122 -14.62 0.23 2.82
N LEU A 123 -15.37 1.34 2.80
CA LEU A 123 -15.26 2.33 3.88
C LEU A 123 -15.59 1.72 5.23
N LYS A 124 -16.68 0.95 5.30
CA LYS A 124 -17.03 0.29 6.56
C LYS A 124 -15.97 -0.70 6.99
N SER A 125 -15.24 -1.30 6.03
CA SER A 125 -14.22 -2.28 6.39
C SER A 125 -13.01 -1.62 7.04
N ILE A 126 -12.72 -0.36 6.70
CA ILE A 126 -11.45 0.26 7.07
C ILE A 126 -11.61 1.41 8.05
N ALA A 127 -12.81 1.91 8.28
CA ALA A 127 -13.01 3.10 9.10
C ALA A 127 -13.57 2.73 10.46
N LEU A 128 -13.05 3.37 11.50
CA LEU A 128 -13.70 3.31 12.80
C LEU A 128 -15.02 4.08 12.75
N PRO A 129 -15.98 3.72 13.60
CA PRO A 129 -17.24 4.48 13.62
C PRO A 129 -17.05 5.97 13.86
N VAL A 130 -16.07 6.35 14.68
CA VAL A 130 -15.80 7.76 14.92
C VAL A 130 -15.23 8.42 13.68
N GLU A 131 -14.40 7.69 12.92
CA GLU A 131 -13.85 8.25 11.69
C GLU A 131 -14.94 8.52 10.66
N ARG A 132 -15.96 7.65 10.60
CA ARG A 132 -17.02 7.83 9.63
C ARG A 132 -17.82 9.10 9.90
N ASP A 133 -18.04 9.43 11.18
CA ASP A 133 -18.71 10.68 11.51
C ASP A 133 -17.82 11.88 11.21
N GLU A 134 -16.52 11.75 11.46
CA GLU A 134 -15.60 12.86 11.20
C GLU A 134 -15.53 13.18 9.72
N LEU A 135 -15.46 12.15 8.87
CA LEU A 135 -15.47 12.39 7.42
C LEU A 135 -16.74 13.10 6.98
N ASP A 136 -17.87 12.81 7.62
CA ASP A 136 -19.13 13.44 7.23
C ASP A 136 -19.18 14.91 7.59
N ALA A 137 -18.39 15.34 8.58
CA ALA A 137 -18.34 16.74 8.98
C ALA A 137 -17.38 17.57 8.16
N LEU A 138 -16.52 16.94 7.36
CA LEU A 138 -15.53 17.66 6.58
C LEU A 138 -16.20 18.35 5.39
N PRO A 139 -15.57 19.42 4.87
CA PRO A 139 -16.22 20.20 3.81
C PRO A 139 -16.39 19.41 2.52
N ALA A 140 -17.49 19.71 1.81
CA ALA A 140 -17.77 19.06 0.55
C ALA A 140 -16.71 19.40 -0.49
N GLY A 141 -16.58 18.54 -1.50
CA GLY A 141 -15.69 18.76 -2.61
C GLY A 141 -14.47 17.89 -2.64
N THR A 142 -14.31 16.98 -1.68
CA THR A 142 -13.14 16.11 -1.60
C THR A 142 -13.61 14.72 -1.21
N HIS A 143 -13.04 13.70 -1.86
CA HIS A 143 -13.40 12.31 -1.56
C HIS A 143 -12.66 11.90 -0.30
N TRP A 144 -13.23 12.31 0.84
CA TRP A 144 -12.60 12.09 2.14
C TRP A 144 -12.45 10.61 2.46
N ASP A 145 -13.34 9.76 1.93
CA ASP A 145 -13.22 8.33 2.17
C ASP A 145 -11.96 7.77 1.53
N ARG A 146 -11.65 8.18 0.30
CA ARG A 146 -10.44 7.71 -0.35
C ARG A 146 -9.19 8.31 0.29
N LEU A 147 -9.27 9.56 0.75
CA LEU A 147 -8.15 10.15 1.48
C LEU A 147 -7.86 9.36 2.76
N LEU A 148 -8.90 8.96 3.48
CA LEU A 148 -8.70 8.19 4.71
C LEU A 148 -8.02 6.86 4.42
N PHE A 149 -8.50 6.14 3.40
CA PHE A 149 -7.89 4.85 3.04
C PHE A 149 -6.44 5.03 2.65
N CYS A 150 -6.16 6.08 1.87
CA CYS A 150 -4.79 6.42 1.48
C CYS A 150 -3.90 6.66 2.69
N ALA A 151 -4.39 7.51 3.61
CA ALA A 151 -3.60 7.85 4.80
C ALA A 151 -3.37 6.66 5.71
N LYS A 152 -4.35 5.74 5.78
CA LYS A 152 -4.16 4.55 6.62
C LYS A 152 -3.05 3.66 6.07
N GLU A 153 -2.98 3.51 4.75
CA GLU A 153 -1.93 2.71 4.14
C GLU A 153 -0.56 3.35 4.36
N THR A 154 -0.46 4.66 4.15
CA THR A 154 0.78 5.38 4.45
C THR A 154 1.19 5.19 5.90
N THR A 155 0.22 5.10 6.81
CA THR A 155 0.54 4.86 8.21
C THR A 155 1.17 3.49 8.39
N TYR A 156 0.63 2.47 7.73
CA TYR A 156 1.23 1.14 7.80
C TYR A 156 2.62 1.13 7.15
N LYS A 157 2.77 1.80 6.01
CA LYS A 157 4.05 1.83 5.32
C LYS A 157 5.12 2.51 6.16
N ALA A 158 4.74 3.52 6.94
CA ALA A 158 5.70 4.14 7.85
C ALA A 158 5.91 3.32 9.10
N TRP A 159 4.88 2.56 9.51
CA TRP A 159 4.95 1.82 10.77
C TRP A 159 5.78 0.55 10.62
N PHE A 160 5.61 -0.17 9.51
CA PHE A 160 6.19 -1.51 9.43
C PHE A 160 7.72 -1.54 9.46
N PRO A 161 8.46 -0.69 8.75
CA PRO A 161 9.92 -0.72 8.87
C PRO A 161 10.42 -0.48 10.29
N LEU A 162 9.62 0.13 11.15
CA LEU A 162 10.04 0.41 12.52
C LEU A 162 9.69 -0.70 13.49
N THR A 163 8.61 -1.43 13.24
CA THR A 163 8.11 -2.41 14.19
C THR A 163 8.17 -3.85 13.70
N ALA A 164 8.21 -4.09 12.39
CA ALA A 164 8.11 -5.43 11.82
C ALA A 164 6.82 -6.11 12.28
N ARG A 165 5.79 -5.32 12.55
CA ARG A 165 4.51 -5.80 13.04
C ARG A 165 3.39 -5.39 12.11
N TRP A 166 2.34 -6.20 12.09
CA TRP A 166 1.12 -5.85 11.39
C TRP A 166 0.46 -4.65 12.05
N LEU A 167 -0.24 -3.85 11.25
CA LEU A 167 -1.08 -2.77 11.76
C LEU A 167 -2.38 -2.78 10.96
N GLY A 168 -3.49 -3.12 11.62
CA GLY A 168 -4.76 -3.17 10.93
C GLY A 168 -5.39 -1.80 10.77
N PHE A 169 -6.47 -1.77 9.98
CA PHE A 169 -7.16 -0.51 9.73
C PHE A 169 -7.85 0.00 10.99
N GLU A 170 -8.34 -0.90 11.84
CA GLU A 170 -8.92 -0.53 13.12
C GLU A 170 -7.87 -0.23 14.18
N ASP A 171 -6.60 -0.34 13.86
CA ASP A 171 -5.52 -0.12 14.83
C ASP A 171 -4.96 1.29 14.77
N ALA A 172 -5.52 2.17 13.96
CA ALA A 172 -5.08 3.57 13.91
C ALA A 172 -6.27 4.47 13.64
N HIS A 173 -6.29 5.63 14.30
CA HIS A 173 -7.33 6.64 14.12
C HIS A 173 -6.68 7.81 13.37
N ILE A 174 -7.12 8.03 12.14
CA ILE A 174 -6.57 9.08 11.29
C ILE A 174 -7.52 10.26 11.28
N THR A 175 -7.00 11.45 11.57
CA THR A 175 -7.77 12.69 11.52
C THR A 175 -7.24 13.54 10.37
N ILE A 176 -8.13 13.89 9.44
CA ILE A 176 -7.77 14.63 8.24
C ILE A 176 -8.15 16.08 8.40
N ASP A 177 -7.20 16.98 8.20
CA ASP A 177 -7.43 18.42 8.15
C ASP A 177 -7.49 18.89 6.71
N PRO A 178 -8.46 19.75 6.34
CA PRO A 178 -8.44 20.35 5.00
C PRO A 178 -7.14 21.06 4.69
N ASP A 179 -6.39 21.40 5.75
CA ASP A 179 -5.03 21.94 5.71
C ASP A 179 -4.15 21.33 4.62
N GLY A 180 -4.35 20.06 4.32
CA GLY A 180 -3.33 19.28 3.67
C GLY A 180 -2.47 18.49 4.64
N THR A 181 -2.88 18.40 5.90
CA THR A 181 -2.21 17.60 6.92
C THR A 181 -3.18 16.58 7.47
N PHE A 182 -2.61 15.56 8.13
CA PHE A 182 -3.41 14.60 8.86
C PHE A 182 -2.55 14.03 9.99
N THR A 183 -3.21 13.39 10.95
CA THR A 183 -2.59 12.75 12.08
C THR A 183 -3.10 11.31 12.24
N SER A 184 -2.24 10.41 12.67
CA SER A 184 -2.62 9.05 12.89
C SER A 184 -2.30 8.71 14.31
N ARG A 185 -3.26 8.22 15.02
CA ARG A 185 -3.11 7.86 16.40
C ARG A 185 -3.16 6.37 16.51
N ILE A 186 -2.07 5.76 16.92
CA ILE A 186 -1.96 4.33 17.04
C ILE A 186 -2.70 3.86 18.29
N LEU A 187 -3.60 2.91 18.12
CA LEU A 187 -4.46 2.41 19.18
C LEU A 187 -3.98 1.08 19.76
N VAL A 188 -2.93 0.48 19.19
CA VAL A 188 -2.34 -0.73 19.73
C VAL A 188 -1.01 -0.38 20.38
N ASP A 189 -0.39 -1.38 21.00
CA ASP A 189 0.96 -1.20 21.54
C ASP A 189 1.92 -0.82 20.42
N GLY A 190 2.66 0.27 20.63
CA GLY A 190 3.48 0.81 19.56
C GLY A 190 4.97 0.68 19.79
N ARG A 191 5.39 -0.40 20.44
CA ARG A 191 6.81 -0.61 20.70
C ARG A 191 7.57 -0.80 19.39
N ALA A 192 8.55 0.08 19.15
CA ALA A 192 9.38 0.00 17.96
C ALA A 192 10.57 -0.92 18.21
N ASN A 193 11.40 -1.10 17.19
CA ASN A 193 12.56 -1.99 17.28
C ASN A 193 13.82 -1.26 17.72
N ASP A 194 13.72 -0.01 18.15
CA ASP A 194 14.80 0.68 18.82
C ASP A 194 14.52 0.91 20.30
N GLY A 195 13.39 0.39 20.80
CA GLY A 195 12.97 0.55 22.17
C GLY A 195 11.88 1.60 22.36
N THR A 196 11.80 2.58 21.47
CA THR A 196 10.87 3.68 21.63
C THR A 196 9.44 3.23 21.37
N VAL A 197 8.49 4.09 21.74
CA VAL A 197 7.07 3.83 21.59
C VAL A 197 6.53 4.76 20.51
N LEU A 198 5.84 4.18 19.53
CA LEU A 198 5.21 4.94 18.45
C LEU A 198 3.74 5.12 18.80
N SER A 199 3.34 6.35 19.10
CA SER A 199 1.94 6.67 19.40
C SER A 199 1.26 7.50 18.31
N ALA A 200 1.96 8.47 17.71
CA ALA A 200 1.34 9.36 16.74
C ALA A 200 2.28 9.62 15.58
N PHE A 201 1.70 9.75 14.39
CA PHE A 201 2.41 10.12 13.17
C PHE A 201 1.86 11.43 12.64
N ASP A 202 2.73 12.25 12.05
CA ASP A 202 2.32 13.47 11.36
C ASP A 202 2.34 13.23 9.86
N GLY A 203 1.22 13.51 9.20
CA GLY A 203 1.11 13.27 7.78
C GLY A 203 0.75 14.50 6.97
N ARG A 204 1.04 14.45 5.66
CA ARG A 204 0.68 15.51 4.73
C ARG A 204 0.00 14.88 3.52
N TRP A 205 -0.87 15.64 2.85
CA TRP A 205 -1.58 15.11 1.72
C TRP A 205 -1.84 16.20 0.67
N ILE A 206 -1.91 15.78 -0.58
CA ILE A 206 -2.18 16.68 -1.71
C ILE A 206 -3.07 15.94 -2.70
N ILE A 207 -3.90 16.72 -3.40
CA ILE A 207 -4.74 16.19 -4.47
C ILE A 207 -4.47 17.01 -5.74
N ASP A 208 -4.03 16.33 -6.79
CA ASP A 208 -3.65 16.99 -8.04
C ASP A 208 -3.55 15.94 -9.13
N LYS A 209 -3.84 16.35 -10.37
CA LYS A 209 -3.82 15.47 -11.53
C LYS A 209 -4.78 14.28 -11.38
N GLY A 210 -5.85 14.48 -10.61
CA GLY A 210 -6.80 13.40 -10.36
C GLY A 210 -6.31 12.35 -9.39
N LEU A 211 -5.28 12.64 -8.61
CA LEU A 211 -4.70 11.69 -7.68
C LEU A 211 -4.69 12.26 -6.28
N ILE A 212 -4.80 11.38 -5.29
CA ILE A 212 -4.44 11.68 -3.92
C ILE A 212 -3.04 11.16 -3.68
N LEU A 213 -2.24 11.92 -2.93
CA LEU A 213 -0.98 11.41 -2.42
C LEU A 213 -0.84 11.79 -0.96
N THR A 214 -0.61 10.81 -0.10
CA THR A 214 -0.35 11.04 1.31
C THR A 214 1.07 10.62 1.64
N ALA A 215 1.66 11.30 2.60
CA ALA A 215 3.03 11.02 3.01
C ALA A 215 3.16 11.20 4.51
N ILE A 216 3.99 10.36 5.11
CA ILE A 216 4.35 10.46 6.53
C ILE A 216 5.86 10.38 6.62
N VAL A 217 6.47 11.37 7.28
CA VAL A 217 7.87 11.29 7.68
C VAL A 217 7.91 11.16 9.20
N VAL A 218 8.60 10.12 9.66
CA VAL A 218 8.85 9.93 11.09
C VAL A 218 10.20 10.58 11.41
N PRO A 219 10.23 11.72 12.09
CA PRO A 219 11.50 12.42 12.29
C PRO A 219 12.42 11.67 13.24
N LYS A 220 13.70 11.97 13.13
CA LYS A 220 14.72 11.32 13.96
C LYS A 220 14.93 12.07 15.27
N PRO B 36 -11.83 -28.61 0.82
CA PRO B 36 -11.18 -27.38 0.36
C PRO B 36 -11.03 -27.31 -1.15
N GLY B 37 -11.65 -28.25 -1.86
CA GLY B 37 -11.60 -28.28 -3.31
C GLY B 37 -12.74 -27.51 -3.96
N HIS B 38 -13.98 -27.87 -3.61
CA HIS B 38 -15.14 -27.16 -4.12
C HIS B 38 -15.06 -25.67 -3.80
N LEU B 39 -14.56 -25.34 -2.62
CA LEU B 39 -14.51 -23.95 -2.18
C LEU B 39 -13.42 -23.16 -2.91
N ALA B 40 -12.31 -23.81 -3.26
CA ALA B 40 -11.20 -23.10 -3.89
C ALA B 40 -11.61 -22.49 -5.22
N SER B 41 -12.35 -23.24 -6.04
CA SER B 41 -12.76 -22.73 -7.34
C SER B 41 -13.74 -21.57 -7.20
N ALA B 42 -14.54 -21.57 -6.13
CA ALA B 42 -15.42 -20.44 -5.86
C ALA B 42 -14.61 -19.21 -5.46
N ILE B 43 -13.57 -19.41 -4.65
CA ILE B 43 -12.63 -18.32 -4.36
C ILE B 43 -12.00 -17.83 -5.65
N ALA B 44 -11.62 -18.76 -6.53
CA ALA B 44 -11.06 -18.37 -7.82
C ALA B 44 -12.04 -17.54 -8.62
N ASP B 45 -13.34 -17.82 -8.49
CA ASP B 45 -14.34 -17.07 -9.22
C ASP B 45 -14.48 -15.65 -8.68
N GLU B 46 -14.41 -15.48 -7.35
CA GLU B 46 -14.46 -14.14 -6.78
C GLU B 46 -13.23 -13.33 -7.13
N ILE B 47 -12.07 -13.98 -7.24
CA ILE B 47 -10.86 -13.27 -7.67
C ILE B 47 -11.01 -12.77 -9.10
N ARG B 48 -11.54 -13.62 -9.98
CA ARG B 48 -11.79 -13.21 -11.36
C ARG B 48 -12.71 -11.99 -11.42
N ALA B 49 -13.74 -11.97 -10.56
CA ALA B 49 -14.65 -10.84 -10.54
C ALA B 49 -13.95 -9.56 -10.06
N VAL B 50 -13.08 -9.69 -9.06
CA VAL B 50 -12.37 -8.53 -8.54
C VAL B 50 -11.36 -8.01 -9.56
N LEU B 51 -10.69 -8.93 -10.26
CA LEU B 51 -9.70 -8.56 -11.26
C LEU B 51 -10.30 -8.29 -12.64
N ARG B 52 -11.54 -8.67 -12.84
CA ARG B 52 -12.20 -8.49 -14.10
C ARG B 52 -11.53 -9.33 -15.15
N SER B 53 -11.43 -10.61 -14.86
CA SER B 53 -10.76 -11.50 -15.74
C SER B 53 -11.50 -12.78 -15.94
N GLY B 54 -11.14 -13.48 -17.00
CA GLY B 54 -11.79 -14.72 -17.37
C GLY B 54 -10.95 -15.96 -17.46
N ASP B 55 -9.64 -15.82 -17.40
CA ASP B 55 -8.79 -16.98 -17.43
C ASP B 55 -8.76 -17.69 -16.10
N PRO B 56 -8.43 -18.97 -16.12
CA PRO B 56 -8.32 -19.74 -14.89
C PRO B 56 -7.08 -19.33 -14.13
N ILE B 57 -7.10 -19.49 -12.82
CA ILE B 57 -5.99 -19.06 -12.02
C ILE B 57 -5.21 -20.18 -11.38
N ASP B 58 -3.91 -20.07 -11.34
CA ASP B 58 -3.08 -21.07 -10.72
C ASP B 58 -3.28 -20.96 -9.22
N HIS B 59 -3.70 -22.02 -8.58
CA HIS B 59 -3.92 -22.01 -7.16
C HIS B 59 -2.77 -21.80 -6.28
N HIS B 60 -1.58 -21.99 -6.75
CA HIS B 60 -0.39 -21.72 -5.96
C HIS B 60 0.31 -20.44 -6.38
N ARG B 61 -0.35 -19.62 -7.19
CA ARG B 61 0.21 -18.37 -7.67
C ARG B 61 -0.11 -17.26 -6.68
N PRO B 62 0.89 -16.56 -6.14
CA PRO B 62 0.58 -15.46 -5.21
C PRO B 62 -0.25 -14.40 -5.90
N LEU B 63 -1.27 -13.90 -5.18
CA LEU B 63 -2.29 -13.06 -5.81
C LEU B 63 -1.72 -11.73 -6.28
N GLU B 64 -0.63 -11.25 -5.68
CA GLU B 64 -0.06 -9.99 -6.12
C GLU B 64 0.56 -10.08 -7.51
N THR B 65 0.92 -11.28 -7.96
CA THR B 65 1.42 -11.43 -9.32
C THR B 65 0.30 -11.31 -10.35
N LEU B 66 -0.95 -11.43 -9.93
CA LEU B 66 -2.10 -11.16 -10.78
C LEU B 66 -2.51 -9.70 -10.74
N GLY B 67 -1.80 -8.86 -9.98
CA GLY B 67 -2.17 -7.47 -9.85
C GLY B 67 -3.21 -7.19 -8.78
N LEU B 68 -3.41 -8.10 -7.85
CA LEU B 68 -4.32 -7.87 -6.73
C LEU B 68 -3.64 -6.92 -5.74
N ASP B 69 -4.07 -5.67 -5.70
CA ASP B 69 -3.51 -4.69 -4.79
C ASP B 69 -4.31 -4.68 -3.50
N ALA B 70 -3.98 -3.75 -2.59
CA ALA B 70 -4.58 -3.74 -1.27
C ALA B 70 -6.08 -3.48 -1.33
N LEU B 71 -6.51 -2.57 -2.20
CA LEU B 71 -7.94 -2.28 -2.32
C LEU B 71 -8.69 -3.51 -2.82
N MET B 72 -8.13 -4.21 -3.80
CA MET B 72 -8.78 -5.40 -4.34
C MET B 72 -8.85 -6.52 -3.31
N GLY B 73 -7.86 -6.61 -2.43
CA GLY B 73 -7.92 -7.60 -1.36
C GLY B 73 -9.03 -7.30 -0.36
N LEU B 74 -9.26 -6.02 -0.09
CA LEU B 74 -10.40 -5.63 0.73
C LEU B 74 -11.71 -6.06 0.08
N GLU B 75 -11.85 -5.78 -1.22
CA GLU B 75 -13.05 -6.18 -1.93
C GLU B 75 -13.21 -7.70 -1.95
N LEU B 76 -12.10 -8.43 -2.14
CA LEU B 76 -12.18 -9.88 -2.11
C LEU B 76 -12.58 -10.37 -0.73
N ARG B 77 -12.02 -9.78 0.33
CA ARG B 77 -12.38 -10.18 1.68
C ARG B 77 -13.86 -9.95 1.94
N ASN B 78 -14.39 -8.80 1.53
CA ASN B 78 -15.80 -8.50 1.78
C ASN B 78 -16.70 -9.41 0.95
N ARG B 79 -16.29 -9.74 -0.28
CA ARG B 79 -17.10 -10.59 -1.13
C ARG B 79 -17.17 -12.02 -0.59
N LEU B 80 -16.09 -12.50 0.03
CA LEU B 80 -16.10 -13.85 0.58
C LEU B 80 -16.96 -13.94 1.84
N GLU B 81 -17.04 -12.86 2.61
CA GLU B 81 -17.96 -12.83 3.74
C GLU B 81 -19.41 -12.94 3.26
N ALA B 82 -19.78 -12.10 2.30
CA ALA B 82 -21.15 -12.12 1.79
C ALA B 82 -21.48 -13.41 1.06
N SER B 83 -20.48 -14.01 0.39
CA SER B 83 -20.74 -15.21 -0.40
C SER B 83 -20.82 -16.46 0.47
N LEU B 84 -19.97 -16.57 1.48
CA LEU B 84 -19.96 -17.72 2.37
C LEU B 84 -20.75 -17.50 3.66
N GLY B 85 -21.23 -16.28 3.90
CA GLY B 85 -22.00 -16.00 5.09
C GLY B 85 -21.22 -16.09 6.39
N ILE B 86 -19.91 -15.98 6.33
CA ILE B 86 -19.04 -16.19 7.48
C ILE B 86 -18.26 -14.90 7.74
N THR B 87 -17.64 -14.85 8.93
CA THR B 87 -16.73 -13.75 9.27
C THR B 87 -15.30 -14.14 8.90
N LEU B 88 -14.60 -13.21 8.25
CA LEU B 88 -13.19 -13.34 7.92
C LEU B 88 -12.47 -12.07 8.31
N PRO B 89 -11.21 -12.17 8.73
CA PRO B 89 -10.44 -10.95 9.00
C PRO B 89 -10.12 -10.23 7.70
N VAL B 90 -9.89 -8.92 7.82
CA VAL B 90 -9.60 -8.15 6.61
C VAL B 90 -8.14 -8.28 6.20
N ALA B 91 -7.28 -8.78 7.09
CA ALA B 91 -5.96 -9.27 6.71
C ALA B 91 -6.02 -10.68 6.14
N LEU B 92 -7.17 -11.06 5.57
CA LEU B 92 -7.36 -12.41 5.06
C LEU B 92 -6.37 -12.74 3.94
N VAL B 93 -6.41 -11.94 2.86
CA VAL B 93 -5.61 -12.24 1.68
C VAL B 93 -4.12 -12.17 1.98
N TRP B 94 -3.72 -11.27 2.88
CA TRP B 94 -2.30 -11.17 3.21
C TRP B 94 -1.83 -12.29 4.14
N ALA B 95 -2.76 -12.99 4.79
CA ALA B 95 -2.38 -14.18 5.54
C ALA B 95 -2.19 -15.36 4.59
N TYR B 96 -3.14 -15.57 3.67
CA TYR B 96 -3.15 -16.71 2.76
C TYR B 96 -3.09 -16.18 1.34
N PRO B 97 -1.87 -15.94 0.81
CA PRO B 97 -1.74 -15.19 -0.44
C PRO B 97 -1.97 -16.00 -1.71
N THR B 98 -2.41 -17.26 -1.61
CA THR B 98 -2.76 -18.04 -2.79
C THR B 98 -4.16 -18.63 -2.61
N ILE B 99 -4.75 -19.03 -3.74
CA ILE B 99 -6.05 -19.68 -3.70
C ILE B 99 -5.99 -20.92 -2.83
N SER B 100 -4.95 -21.73 -3.01
CA SER B 100 -4.80 -22.95 -2.24
C SER B 100 -4.70 -22.66 -0.74
N ASP B 101 -3.92 -21.64 -0.38
CA ASP B 101 -3.82 -21.26 1.03
C ASP B 101 -5.15 -20.71 1.54
N LEU B 102 -5.82 -19.89 0.73
CA LEU B 102 -7.09 -19.30 1.15
C LEU B 102 -8.15 -20.38 1.35
N ALA B 103 -8.21 -21.35 0.44
CA ALA B 103 -9.22 -22.39 0.54
C ALA B 103 -9.04 -23.25 1.78
N THR B 104 -7.79 -23.56 2.14
CA THR B 104 -7.55 -24.34 3.36
C THR B 104 -7.90 -23.52 4.60
N ALA B 105 -7.62 -22.22 4.58
CA ALA B 105 -8.04 -21.35 5.68
C ALA B 105 -9.56 -21.29 5.77
N LEU B 106 -10.22 -21.05 4.65
CA LEU B 106 -11.67 -20.83 4.68
C LEU B 106 -12.41 -22.11 5.03
N CYS B 107 -11.95 -23.27 4.55
CA CYS B 107 -12.61 -24.52 4.91
C CYS B 107 -12.40 -24.86 6.38
N GLU B 108 -11.23 -24.52 6.92
CA GLU B 108 -10.87 -24.91 8.29
C GLU B 108 -11.91 -24.42 9.29
N ARG B 109 -12.11 -23.11 9.35
CA ARG B 109 -13.04 -22.52 10.31
C ARG B 109 -14.47 -22.45 9.79
N MET B 110 -14.68 -22.60 8.48
CA MET B 110 -16.05 -22.76 7.96
C MET B 110 -16.42 -24.23 7.84
#